data_3L7W
#
_entry.id   3L7W
#
_cell.length_a   57.070
_cell.length_b   57.070
_cell.length_c   174.920
_cell.angle_alpha   90.00
_cell.angle_beta   90.00
_cell.angle_gamma   120.00
#
_symmetry.space_group_name_H-M   'P 65 2 2'
#
loop_
_entity.id
_entity.type
_entity.pdbx_description
1 polymer 'Putative uncharacterized protein SMU.1704'
2 water water
#
_entity_poly.entity_id   1
_entity_poly.type   'polypeptide(L)'
_entity_poly.pdbx_seq_one_letter_code
;(MSE)YYPVSALLIEYLILAIVSKHDSYGYDISQTIKLIASIKESTLYPILKKLEKAGYLSTYTQEHQGRRRKYYHLTDS
GEKHLVYLTKEWSVYK(MSE)TIDGIVEGRIRHDKN
;
_entity_poly.pdbx_strand_id   A
#
# COMPACT_ATOMS: atom_id res chain seq x y z
N MSE A 1 10.93 -10.51 1.88
CA MSE A 1 11.34 -11.37 2.98
C MSE A 1 12.44 -10.71 3.81
O MSE A 1 12.19 -10.31 4.96
CB MSE A 1 11.83 -12.73 2.46
N TYR A 2 13.64 -10.58 3.25
CA TYR A 2 14.77 -10.04 4.00
C TYR A 2 14.50 -8.65 4.60
N TYR A 3 14.41 -7.65 3.74
CA TYR A 3 14.20 -6.30 4.21
C TYR A 3 12.78 -6.15 4.70
N PRO A 4 12.60 -5.41 5.80
CA PRO A 4 11.26 -5.16 6.32
C PRO A 4 10.53 -4.18 5.43
N VAL A 5 9.20 -4.14 5.55
CA VAL A 5 8.38 -3.19 4.83
C VAL A 5 7.74 -2.25 5.85
N SER A 6 8.07 -0.97 5.78
CA SER A 6 7.54 -0.03 6.75
C SER A 6 6.03 0.16 6.55
N ALA A 7 5.36 0.62 7.59
CA ALA A 7 3.93 0.85 7.54
C ALA A 7 3.62 1.77 6.36
N LEU A 8 4.46 2.78 6.16
CA LEU A 8 4.27 3.74 5.07
C LEU A 8 4.29 3.02 3.73
N LEU A 9 5.19 2.06 3.59
CA LEU A 9 5.31 1.31 2.36
C LEU A 9 4.10 0.39 2.20
N ILE A 10 3.60 -0.14 3.32
CA ILE A 10 2.38 -0.95 3.30
C ILE A 10 1.22 -0.14 2.73
N GLU A 11 1.15 1.13 3.13
CA GLU A 11 0.09 2.01 2.64
C GLU A 11 0.22 2.13 1.15
N TYR A 12 1.43 2.43 0.69
CA TYR A 12 1.72 2.44 -0.73
C TYR A 12 1.19 1.17 -1.37
N LEU A 13 1.55 0.02 -0.83
CA LEU A 13 1.12 -1.25 -1.42
C LEU A 13 -0.40 -1.36 -1.43
N ILE A 14 -1.04 -1.02 -0.32
CA ILE A 14 -2.48 -1.14 -0.24
C ILE A 14 -3.12 -0.28 -1.32
N LEU A 15 -2.78 1.00 -1.33
CA LEU A 15 -3.35 1.90 -2.33
C LEU A 15 -3.05 1.40 -3.73
N ALA A 16 -1.83 0.90 -3.94
CA ALA A 16 -1.45 0.44 -5.28
C ALA A 16 -2.33 -0.75 -5.65
N ILE A 17 -2.52 -1.65 -4.70
CA ILE A 17 -3.28 -2.86 -4.95
C ILE A 17 -4.73 -2.49 -5.24
N VAL A 18 -5.27 -1.62 -4.39
CA VAL A 18 -6.65 -1.23 -4.51
C VAL A 18 -6.86 -0.45 -5.80
N SER A 19 -5.80 0.18 -6.31
CA SER A 19 -5.94 0.94 -7.55
C SER A 19 -6.22 0.02 -8.73
N LYS A 20 -5.74 -1.21 -8.68
CA LYS A 20 -5.96 -2.14 -9.79
C LYS A 20 -7.45 -2.41 -9.86
N HIS A 21 -7.98 -2.94 -8.75
CA HIS A 21 -9.42 -3.06 -8.59
C HIS A 21 -9.79 -2.95 -7.11
N ASP A 22 -11.02 -2.53 -6.84
CA ASP A 22 -11.56 -2.63 -5.50
C ASP A 22 -11.24 -4.01 -4.96
N SER A 23 -10.83 -4.09 -3.71
CA SER A 23 -10.59 -5.40 -3.11
C SER A 23 -10.88 -5.46 -1.62
N TYR A 24 -11.22 -6.64 -1.14
CA TYR A 24 -11.47 -6.80 0.28
C TYR A 24 -10.14 -7.07 0.98
N GLY A 25 -10.15 -6.91 2.30
CA GLY A 25 -8.95 -6.91 3.09
C GLY A 25 -8.10 -8.16 2.92
N TYR A 26 -8.73 -9.32 2.96
CA TYR A 26 -7.98 -10.57 2.91
C TYR A 26 -7.18 -10.61 1.63
N ASP A 27 -7.78 -10.14 0.55
CA ASP A 27 -7.12 -10.12 -0.73
C ASP A 27 -5.89 -9.22 -0.68
N ILE A 28 -6.05 -8.05 -0.09
CA ILE A 28 -4.94 -7.10 -0.02
C ILE A 28 -3.85 -7.72 0.85
N SER A 29 -4.26 -8.28 1.98
CA SER A 29 -3.35 -8.83 2.96
C SER A 29 -2.53 -9.95 2.35
N GLN A 30 -3.20 -10.89 1.69
CA GLN A 30 -2.52 -12.00 1.03
C GLN A 30 -1.45 -11.55 0.05
N THR A 31 -1.71 -10.45 -0.65
CA THR A 31 -0.75 -10.01 -1.66
C THR A 31 0.37 -9.27 -0.96
N ILE A 32 0.03 -8.58 0.11
CA ILE A 32 1.04 -7.86 0.86
C ILE A 32 1.97 -8.83 1.62
N LYS A 33 1.41 -9.96 2.06
CA LYS A 33 2.17 -10.97 2.78
C LYS A 33 3.23 -11.56 1.88
N LEU A 34 3.10 -11.30 0.59
CA LEU A 34 4.10 -11.73 -0.37
C LEU A 34 5.45 -11.06 -0.15
N ILE A 35 5.44 -9.84 0.35
CA ILE A 35 6.68 -9.12 0.58
C ILE A 35 6.84 -8.71 2.02
N ALA A 36 5.75 -8.69 2.77
CA ALA A 36 5.79 -8.18 4.13
C ALA A 36 5.37 -9.21 5.15
N SER A 37 5.99 -9.13 6.32
CA SER A 37 5.53 -9.89 7.47
C SER A 37 4.76 -8.92 8.33
N ILE A 38 3.45 -8.95 8.16
CA ILE A 38 2.58 -8.02 8.84
C ILE A 38 1.36 -8.78 9.32
N LYS A 39 0.93 -8.52 10.55
CA LYS A 39 -0.25 -9.20 11.07
C LYS A 39 -1.51 -8.46 10.61
N GLU A 40 -2.61 -9.19 10.51
CA GLU A 40 -3.89 -8.57 10.20
C GLU A 40 -4.11 -7.44 11.19
N SER A 41 -3.73 -7.68 12.44
CA SER A 41 -3.94 -6.68 13.49
C SER A 41 -3.13 -5.41 13.26
N THR A 42 -2.16 -5.49 12.35
CA THR A 42 -1.40 -4.31 11.95
C THR A 42 -1.93 -3.76 10.63
N LEU A 43 -2.37 -4.66 9.78
CA LEU A 43 -2.79 -4.32 8.43
C LEU A 43 -4.10 -3.57 8.46
N TYR A 44 -5.09 -4.15 9.14
CA TYR A 44 -6.42 -3.60 9.11
C TYR A 44 -6.53 -2.18 9.68
N PRO A 45 -5.81 -1.90 10.77
CA PRO A 45 -5.74 -0.52 11.22
C PRO A 45 -5.17 0.39 10.13
N ILE A 46 -4.23 -0.12 9.35
CA ILE A 46 -3.68 0.67 8.28
C ILE A 46 -4.74 0.95 7.22
N LEU A 47 -5.43 -0.10 6.80
CA LEU A 47 -6.61 0.07 5.93
C LEU A 47 -7.55 1.10 6.51
N LYS A 48 -7.83 1.01 7.81
CA LYS A 48 -8.76 1.94 8.45
C LYS A 48 -8.22 3.36 8.36
N LYS A 49 -6.95 3.52 8.71
CA LYS A 49 -6.27 4.81 8.62
C LYS A 49 -6.45 5.41 7.23
N LEU A 50 -6.25 4.60 6.20
CA LEU A 50 -6.29 5.08 4.81
C LEU A 50 -7.69 5.47 4.48
N GLU A 51 -8.64 4.75 5.04
CA GLU A 51 -10.02 5.10 4.81
C GLU A 51 -10.30 6.43 5.50
N LYS A 52 -9.96 6.53 6.77
CA LYS A 52 -10.23 7.74 7.53
C LYS A 52 -9.66 8.95 6.81
N ALA A 53 -8.46 8.77 6.27
CA ALA A 53 -7.72 9.83 5.61
C ALA A 53 -8.34 10.14 4.26
N GLY A 54 -9.28 9.30 3.85
CA GLY A 54 -10.05 9.57 2.65
C GLY A 54 -9.50 8.95 1.39
N TYR A 55 -8.41 8.20 1.51
CA TYR A 55 -7.78 7.62 0.32
C TYR A 55 -8.52 6.38 -0.14
N LEU A 56 -9.16 5.71 0.81
CA LEU A 56 -9.99 4.56 0.46
C LEU A 56 -11.44 4.80 0.92
N SER A 57 -12.39 4.44 0.07
CA SER A 57 -13.76 4.40 0.52
C SER A 57 -14.05 2.92 0.56
N THR A 58 -15.09 2.53 1.29
CA THR A 58 -15.43 1.13 1.43
C THR A 58 -16.92 0.90 1.18
N TYR A 59 -17.23 -0.32 0.76
CA TYR A 59 -18.60 -0.73 0.60
C TYR A 59 -18.60 -2.20 0.84
N THR A 60 -19.79 -2.75 1.07
CA THR A 60 -19.87 -4.19 1.20
C THR A 60 -20.38 -4.78 -0.10
N GLN A 61 -20.11 -6.05 -0.32
CA GLN A 61 -20.53 -6.71 -1.53
C GLN A 61 -20.40 -8.20 -1.29
N GLU A 62 -21.38 -8.96 -1.74
CA GLU A 62 -21.31 -10.39 -1.58
C GLU A 62 -20.18 -10.90 -2.45
N HIS A 63 -19.38 -11.80 -1.89
CA HIS A 63 -18.34 -12.45 -2.68
C HIS A 63 -18.27 -13.89 -2.23
N GLN A 64 -18.62 -14.80 -3.12
CA GLN A 64 -18.63 -16.22 -2.78
C GLN A 64 -19.56 -16.47 -1.58
N GLY A 65 -20.71 -15.81 -1.57
CA GLY A 65 -21.74 -16.07 -0.58
C GLY A 65 -21.51 -15.48 0.80
N ARG A 66 -20.57 -14.56 0.93
CA ARG A 66 -20.42 -13.81 2.17
C ARG A 66 -20.18 -12.33 1.84
N ARG A 67 -20.82 -11.44 2.60
CA ARG A 67 -20.61 -10.00 2.36
C ARG A 67 -19.18 -9.67 2.77
N ARG A 68 -18.43 -9.08 1.86
CA ARG A 68 -17.07 -8.64 2.13
C ARG A 68 -17.02 -7.14 2.18
N LYS A 69 -16.10 -6.60 2.96
CA LYS A 69 -15.83 -5.18 2.94
C LYS A 69 -14.82 -4.90 1.84
N TYR A 70 -15.27 -4.19 0.81
CA TYR A 70 -14.37 -3.81 -0.28
C TYR A 70 -13.81 -2.43 -0.04
N TYR A 71 -12.57 -2.28 -0.46
CA TYR A 71 -11.91 -0.98 -0.43
C TYR A 71 -11.81 -0.49 -1.84
N HIS A 72 -11.92 0.82 -1.99
CA HIS A 72 -11.93 1.44 -3.28
C HIS A 72 -11.06 2.67 -3.19
N LEU A 73 -10.18 2.84 -4.15
CA LEU A 73 -9.30 3.99 -4.20
C LEU A 73 -10.07 5.24 -4.61
N THR A 74 -10.17 6.20 -3.72
CA THR A 74 -10.83 7.46 -4.06
C THR A 74 -9.91 8.28 -4.97
N ASP A 75 -10.46 9.31 -5.59
CA ASP A 75 -9.66 10.25 -6.36
C ASP A 75 -8.57 10.80 -5.44
N SER A 76 -8.94 11.08 -4.20
CA SER A 76 -7.99 11.55 -3.22
C SER A 76 -6.88 10.50 -3.06
N GLY A 77 -7.30 9.24 -3.13
CA GLY A 77 -6.41 8.14 -2.95
C GLY A 77 -5.51 8.07 -4.16
N GLU A 78 -6.10 8.25 -5.34
CA GLU A 78 -5.36 8.19 -6.59
C GLU A 78 -4.26 9.24 -6.59
N LYS A 79 -4.62 10.47 -6.26
CA LYS A 79 -3.64 11.53 -6.18
C LYS A 79 -2.52 11.15 -5.21
N HIS A 80 -2.91 10.61 -4.06
CA HIS A 80 -1.97 10.25 -3.03
C HIS A 80 -1.06 9.10 -3.48
N LEU A 81 -1.64 8.14 -4.19
CA LEU A 81 -0.89 7.00 -4.68
C LEU A 81 0.24 7.45 -5.61
N VAL A 82 -0.03 8.49 -6.40
CA VAL A 82 0.97 9.06 -7.32
C VAL A 82 2.15 9.58 -6.54
N TYR A 83 1.83 10.31 -5.48
CA TYR A 83 2.84 10.82 -4.58
C TYR A 83 3.68 9.66 -3.99
N LEU A 84 3.02 8.66 -3.44
CA LEU A 84 3.71 7.49 -2.85
C LEU A 84 4.53 6.74 -3.88
N THR A 85 4.01 6.60 -5.08
CA THR A 85 4.76 5.96 -6.15
C THR A 85 6.01 6.77 -6.43
N LYS A 86 5.82 8.08 -6.60
CA LYS A 86 6.90 9.01 -6.84
C LYS A 86 7.97 8.91 -5.74
N GLU A 87 7.54 8.98 -4.48
CA GLU A 87 8.45 8.90 -3.37
C GLU A 87 9.14 7.55 -3.32
N TRP A 88 8.44 6.52 -3.77
CA TRP A 88 9.04 5.19 -3.82
C TRP A 88 10.12 5.18 -4.87
N SER A 89 9.85 5.84 -6.00
CA SER A 89 10.81 5.89 -7.09
C SER A 89 12.07 6.58 -6.58
N VAL A 90 11.89 7.74 -5.96
CA VAL A 90 12.99 8.48 -5.36
C VAL A 90 13.77 7.64 -4.34
N TYR A 91 13.05 6.98 -3.45
CA TYR A 91 13.66 6.12 -2.45
C TYR A 91 14.56 5.13 -3.16
N LYS A 92 14.00 4.43 -4.14
CA LYS A 92 14.74 3.43 -4.88
C LYS A 92 15.97 4.02 -5.54
N MSE A 93 15.80 5.10 -6.30
CA MSE A 93 16.93 5.72 -7.03
CA MSE A 93 16.94 5.63 -7.02
C MSE A 93 17.99 6.12 -6.05
O MSE A 93 19.17 6.00 -6.32
CB MSE A 93 16.55 7.00 -7.82
CB MSE A 93 16.47 6.74 -7.93
CG MSE A 93 17.57 7.46 -8.97
CG MSE A 93 15.50 6.27 -8.97
SE MSE A 93 19.23 8.65 -8.75
SE MSE A 93 14.76 7.80 -9.85
CE MSE A 93 19.88 8.54 -10.58
CE MSE A 93 16.32 8.37 -10.77
N THR A 94 17.55 6.65 -4.93
CA THR A 94 18.48 7.23 -3.99
C THR A 94 19.30 6.11 -3.36
N ILE A 95 18.64 5.04 -2.96
CA ILE A 95 19.32 3.88 -2.44
C ILE A 95 20.27 3.31 -3.49
N ASP A 96 19.75 3.06 -4.69
CA ASP A 96 20.57 2.51 -5.75
C ASP A 96 21.71 3.46 -6.12
N GLY A 97 21.41 4.76 -6.07
CA GLY A 97 22.40 5.77 -6.35
C GLY A 97 23.51 5.74 -5.32
N ILE A 98 23.13 5.59 -4.05
CA ILE A 98 24.11 5.51 -2.99
C ILE A 98 24.88 4.21 -3.16
N VAL A 99 24.14 3.12 -3.28
CA VAL A 99 24.71 1.81 -3.43
C VAL A 99 25.69 1.70 -4.60
N GLU A 100 25.34 2.34 -5.72
CA GLU A 100 26.20 2.27 -6.90
C GLU A 100 27.31 3.32 -6.94
N GLY A 101 27.29 4.26 -6.00
CA GLY A 101 28.40 5.18 -5.84
C GLY A 101 28.19 6.59 -6.34
N ARG A 102 27.12 6.80 -7.12
CA ARG A 102 26.86 8.13 -7.66
C ARG A 102 26.52 9.08 -6.54
N ILE A 103 25.69 8.64 -5.62
CA ILE A 103 25.16 9.53 -4.61
C ILE A 103 26.00 9.52 -3.33
N ARG A 104 26.54 10.68 -2.98
CA ARG A 104 27.37 10.87 -1.80
C ARG A 104 27.07 12.26 -1.27
N HIS A 105 27.16 12.43 0.04
CA HIS A 105 26.95 13.76 0.61
C HIS A 105 27.95 14.76 0.00
N ASP A 106 27.66 16.03 0.20
CA ASP A 106 28.52 17.15 -0.14
C ASP A 106 28.23 17.64 -1.54
#